data_7D33
#
_entry.id   7D33
#
_cell.length_a   78.765
_cell.length_b   51.941
_cell.length_c   57.063
_cell.angle_alpha   90.000
_cell.angle_beta   113.590
_cell.angle_gamma   90.000
#
_symmetry.space_group_name_H-M   'C 1 2 1'
#
loop_
_entity.id
_entity.type
_entity.pdbx_description
1 polymer "DNA (5'-D(*GP*GP*TP*TP*GP*GP*TP*CP*TP*GP*GP*TP*TP*GP*G)-3')"
2 non-polymer 'LEAD (II) ION'
3 water water
#
_entity_poly.entity_id   1
_entity_poly.type   'polydeoxyribonucleotide'
_entity_poly.pdbx_seq_one_letter_code
;(DG)(DG)(DT)(DT)(DG)(DG)(DT)(DC)(DT)(DG)(DG)(DT)(DT)(DG)(DG)
;
_entity_poly.pdbx_strand_id   A,B,C,D,E
#